data_1UQC
# 
_entry.id   1UQC 
# 
_audit_conform.dict_name       mmcif_pdbx.dic 
_audit_conform.dict_version    5.392 
_audit_conform.dict_location   http://mmcif.pdb.org/dictionaries/ascii/mmcif_pdbx.dic 
# 
loop_
_database_2.database_id 
_database_2.database_code 
_database_2.pdbx_database_accession 
_database_2.pdbx_DOI 
PDB   1UQC         pdb_00001uqc 10.2210/pdb1uqc/pdb 
WWPDB D_1000176969 ?            ?                   
# 
loop_
_pdbx_audit_revision_history.ordinal 
_pdbx_audit_revision_history.data_content_type 
_pdbx_audit_revision_history.major_revision 
_pdbx_audit_revision_history.minor_revision 
_pdbx_audit_revision_history.revision_date 
1 'Structure model' 1 0 1997-01-27 
2 'Structure model' 1 1 2008-03-24 
3 'Structure model' 1 2 2011-07-13 
4 'Structure model' 1 3 2022-03-02 
5 'Structure model' 1 4 2024-05-22 
# 
_pdbx_audit_revision_details.ordinal             1 
_pdbx_audit_revision_details.revision_ordinal    1 
_pdbx_audit_revision_details.data_content_type   'Structure model' 
_pdbx_audit_revision_details.provider            repository 
_pdbx_audit_revision_details.type                'Initial release' 
_pdbx_audit_revision_details.description         ? 
_pdbx_audit_revision_details.details             ? 
# 
loop_
_pdbx_audit_revision_group.ordinal 
_pdbx_audit_revision_group.revision_ordinal 
_pdbx_audit_revision_group.data_content_type 
_pdbx_audit_revision_group.group 
1 2 'Structure model' 'Version format compliance' 
2 3 'Structure model' 'Version format compliance' 
3 4 'Structure model' 'Data collection'           
4 4 'Structure model' 'Database references'       
5 4 'Structure model' 'Derived calculations'      
6 4 'Structure model' Other                       
7 5 'Structure model' 'Data collection'           
# 
loop_
_pdbx_audit_revision_category.ordinal 
_pdbx_audit_revision_category.revision_ordinal 
_pdbx_audit_revision_category.data_content_type 
_pdbx_audit_revision_category.category 
1 4 'Structure model' database_2            
2 4 'Structure model' pdbx_database_status  
3 4 'Structure model' pdbx_nmr_software     
4 4 'Structure model' pdbx_struct_assembly  
5 4 'Structure model' pdbx_struct_oper_list 
6 5 'Structure model' chem_comp_atom        
7 5 'Structure model' chem_comp_bond        
# 
loop_
_pdbx_audit_revision_item.ordinal 
_pdbx_audit_revision_item.revision_ordinal 
_pdbx_audit_revision_item.data_content_type 
_pdbx_audit_revision_item.item 
1 4 'Structure model' '_database_2.pdbx_DOI'                
2 4 'Structure model' '_database_2.pdbx_database_accession' 
3 4 'Structure model' '_pdbx_database_status.process_site'  
4 4 'Structure model' '_pdbx_nmr_software.name'             
# 
_pdbx_database_status.status_code                     REL 
_pdbx_database_status.entry_id                        1UQC 
_pdbx_database_status.recvd_initial_deposition_date   1996-06-26 
_pdbx_database_status.deposit_site                    ? 
_pdbx_database_status.process_site                    BNL 
_pdbx_database_status.status_code_sf                  ? 
_pdbx_database_status.status_code_mr                  REL 
_pdbx_database_status.SG_entry                        ? 
_pdbx_database_status.pdb_format_compatible           Y 
_pdbx_database_status.status_code_cs                  ? 
_pdbx_database_status.status_code_nmr_data            ? 
_pdbx_database_status.methods_development_category    ? 
# 
loop_
_pdbx_database_related.db_name 
_pdbx_database_related.db_id 
_pdbx_database_related.details 
_pdbx_database_related.content_type 
PDB 1BUF 'MINIMIZED AVERAGE STRUCTURE' unspecified 
PDB 1UQA 'MINIMIZED AVERAGE STRUCTURE' unspecified 
PDB 1UQB 'MINIMIZED AVERAGE STRUCTURE' unspecified 
PDB 1UQD 'MINIMIZED AVERAGE STRUCTURE' unspecified 
PDB 1UQE 'MINIMIZED AVERAGE STRUCTURE' unspecified 
PDB 1UQF 'MINIMIZED AVERAGE STRUCTURE' unspecified 
PDB 1UQG 'MINIMIZED AVERAGE STRUCTURE' unspecified 
# 
loop_
_audit_author.name 
_audit_author.pdbx_ordinal 
'Lam, S.L.'        1 
'Au-Yeung, S.C.F.' 2 
# 
_citation.id                        primary 
_citation.title                     
;Sequence-specific local structural variations in solution structures of d(CGXX'CG)2 and d(CAXX'TG)2 self-complementary deoxyribonucleic acids.
;
_citation.journal_abbrev            J.Mol.Biol. 
_citation.journal_volume            266 
_citation.page_first                745 
_citation.page_last                 760 
_citation.year                      1997 
_citation.journal_id_ASTM           JMOBAK 
_citation.country                   UK 
_citation.journal_id_ISSN           0022-2836 
_citation.journal_id_CSD            0070 
_citation.book_publisher            ? 
_citation.pdbx_database_id_PubMed   9102467 
_citation.pdbx_database_id_DOI      10.1006/jmbi.1996.0783 
# 
loop_
_citation_author.citation_id 
_citation_author.name 
_citation_author.ordinal 
_citation_author.identifier_ORCID 
primary 'Lam, S.L.'      1 ? 
primary 'Au-Yeung, S.C.' 2 ? 
# 
_entity.id                         1 
_entity.type                       polymer 
_entity.src_method                 syn 
_entity.pdbx_description           
;DNA (5'-D(*CP*AP*CP*GP*TP*G)-3')
;
_entity.formula_weight             1809.217 
_entity.pdbx_number_of_molecules   2 
_entity.pdbx_ec                    ? 
_entity.pdbx_mutation              ? 
_entity.pdbx_fragment              ? 
_entity.details                    'IN 10 MM SODIUM PHOSPHATE BUFFER AT 10 DEG. CELSIUS, 5.7 MM DOUBLE STRANDED CONCENTRATION' 
# 
_entity_poly.entity_id                      1 
_entity_poly.type                           polydeoxyribonucleotide 
_entity_poly.nstd_linkage                   no 
_entity_poly.nstd_monomer                   no 
_entity_poly.pdbx_seq_one_letter_code       '(DC)(DA)(DC)(DG)(DT)(DG)' 
_entity_poly.pdbx_seq_one_letter_code_can   CACGTG 
_entity_poly.pdbx_strand_id                 A,B 
_entity_poly.pdbx_target_identifier         ? 
# 
loop_
_entity_poly_seq.entity_id 
_entity_poly_seq.num 
_entity_poly_seq.mon_id 
_entity_poly_seq.hetero 
1 1 DC n 
1 2 DA n 
1 3 DC n 
1 4 DG n 
1 5 DT n 
1 6 DG n 
# 
loop_
_chem_comp.id 
_chem_comp.type 
_chem_comp.mon_nstd_flag 
_chem_comp.name 
_chem_comp.pdbx_synonyms 
_chem_comp.formula 
_chem_comp.formula_weight 
DA 'DNA linking' y "2'-DEOXYADENOSINE-5'-MONOPHOSPHATE" ? 'C10 H14 N5 O6 P' 331.222 
DC 'DNA linking' y "2'-DEOXYCYTIDINE-5'-MONOPHOSPHATE"  ? 'C9 H14 N3 O7 P'  307.197 
DG 'DNA linking' y "2'-DEOXYGUANOSINE-5'-MONOPHOSPHATE" ? 'C10 H14 N5 O7 P' 347.221 
DT 'DNA linking' y "THYMIDINE-5'-MONOPHOSPHATE"         ? 'C10 H15 N2 O8 P' 322.208 
# 
loop_
_pdbx_poly_seq_scheme.asym_id 
_pdbx_poly_seq_scheme.entity_id 
_pdbx_poly_seq_scheme.seq_id 
_pdbx_poly_seq_scheme.mon_id 
_pdbx_poly_seq_scheme.ndb_seq_num 
_pdbx_poly_seq_scheme.pdb_seq_num 
_pdbx_poly_seq_scheme.auth_seq_num 
_pdbx_poly_seq_scheme.pdb_mon_id 
_pdbx_poly_seq_scheme.auth_mon_id 
_pdbx_poly_seq_scheme.pdb_strand_id 
_pdbx_poly_seq_scheme.pdb_ins_code 
_pdbx_poly_seq_scheme.hetero 
A 1 1 DC 1 1  1  DC C A . n 
A 1 2 DA 2 2  2  DA A A . n 
A 1 3 DC 3 3  3  DC C A . n 
A 1 4 DG 4 4  4  DG G A . n 
A 1 5 DT 5 5  5  DT T A . n 
A 1 6 DG 6 6  6  DG G A . n 
B 1 1 DC 1 7  7  DC C B . n 
B 1 2 DA 2 8  8  DA A B . n 
B 1 3 DC 3 9  9  DC C B . n 
B 1 4 DG 4 10 10 DG G B . n 
B 1 5 DT 5 11 11 DT T B . n 
B 1 6 DG 6 12 12 DG G B . n 
# 
_software.name             AMBER 
_software.classification   refinement 
_software.version          . 
_software.citation_id      ? 
_software.pdbx_ordinal     1 
# 
_cell.entry_id           1UQC 
_cell.length_a           1.000 
_cell.length_b           1.000 
_cell.length_c           1.000 
_cell.angle_alpha        90.00 
_cell.angle_beta         90.00 
_cell.angle_gamma        90.00 
_cell.Z_PDB              1 
_cell.pdbx_unique_axis   ? 
# 
_symmetry.entry_id                         1UQC 
_symmetry.space_group_name_H-M             'P 1' 
_symmetry.pdbx_full_space_group_name_H-M   ? 
_symmetry.cell_setting                     ? 
_symmetry.Int_Tables_number                1 
# 
_exptl.entry_id          1UQC 
_exptl.method            'SOLUTION NMR' 
_exptl.crystals_number   ? 
# 
_struct.entry_id                  1UQC 
_struct.title                     
;SELF-COMPLEMENTARY DNA 5'-D(CACGTG)2, NMR, MINIMIZED AVERAGE STRUCTURE
;
_struct.pdbx_model_details        ? 
_struct.pdbx_CASP_flag            ? 
_struct.pdbx_model_type_details   ? 
# 
_struct_keywords.entry_id        1UQC 
_struct_keywords.pdbx_keywords   DNA 
_struct_keywords.text            'DEOXYRIBONUCLEIC ACID, DNA' 
# 
loop_
_struct_asym.id 
_struct_asym.pdbx_blank_PDB_chainid_flag 
_struct_asym.pdbx_modified 
_struct_asym.entity_id 
_struct_asym.details 
A N N 1 ? 
B N N 1 ? 
# 
_struct_ref.id                         1 
_struct_ref.entity_id                  1 
_struct_ref.db_name                    PDB 
_struct_ref.db_code                    1UQC 
_struct_ref.pdbx_db_accession          1UQC 
_struct_ref.pdbx_db_isoform            ? 
_struct_ref.pdbx_seq_one_letter_code   ? 
_struct_ref.pdbx_align_begin           ? 
# 
loop_
_struct_ref_seq.align_id 
_struct_ref_seq.ref_id 
_struct_ref_seq.pdbx_PDB_id_code 
_struct_ref_seq.pdbx_strand_id 
_struct_ref_seq.seq_align_beg 
_struct_ref_seq.pdbx_seq_align_beg_ins_code 
_struct_ref_seq.seq_align_end 
_struct_ref_seq.pdbx_seq_align_end_ins_code 
_struct_ref_seq.pdbx_db_accession 
_struct_ref_seq.db_align_beg 
_struct_ref_seq.pdbx_db_align_beg_ins_code 
_struct_ref_seq.db_align_end 
_struct_ref_seq.pdbx_db_align_end_ins_code 
_struct_ref_seq.pdbx_auth_seq_align_beg 
_struct_ref_seq.pdbx_auth_seq_align_end 
1 1 1UQC A 1 ? 6 ? 1UQC 1 ? 6  ? 1 6  
2 1 1UQC B 1 ? 6 ? 1UQC 7 ? 12 ? 7 12 
# 
_pdbx_struct_assembly.id                   1 
_pdbx_struct_assembly.details              author_defined_assembly 
_pdbx_struct_assembly.method_details       ? 
_pdbx_struct_assembly.oligomeric_details   dimeric 
_pdbx_struct_assembly.oligomeric_count     2 
# 
_pdbx_struct_assembly_gen.assembly_id       1 
_pdbx_struct_assembly_gen.oper_expression   1 
_pdbx_struct_assembly_gen.asym_id_list      A,B 
# 
_pdbx_struct_oper_list.id                   1 
_pdbx_struct_oper_list.type                 'identity operation' 
_pdbx_struct_oper_list.name                 1_555 
_pdbx_struct_oper_list.symmetry_operation   x,y,z 
_pdbx_struct_oper_list.matrix[1][1]         1.0000000000 
_pdbx_struct_oper_list.matrix[1][2]         0.0000000000 
_pdbx_struct_oper_list.matrix[1][3]         0.0000000000 
_pdbx_struct_oper_list.vector[1]            0.0000000000 
_pdbx_struct_oper_list.matrix[2][1]         0.0000000000 
_pdbx_struct_oper_list.matrix[2][2]         1.0000000000 
_pdbx_struct_oper_list.matrix[2][3]         0.0000000000 
_pdbx_struct_oper_list.vector[2]            0.0000000000 
_pdbx_struct_oper_list.matrix[3][1]         0.0000000000 
_pdbx_struct_oper_list.matrix[3][2]         0.0000000000 
_pdbx_struct_oper_list.matrix[3][3]         1.0000000000 
_pdbx_struct_oper_list.vector[3]            0.0000000000 
# 
_struct_biol.id   1 
# 
loop_
_struct_conn.id 
_struct_conn.conn_type_id 
_struct_conn.pdbx_leaving_atom_flag 
_struct_conn.pdbx_PDB_id 
_struct_conn.ptnr1_label_asym_id 
_struct_conn.ptnr1_label_comp_id 
_struct_conn.ptnr1_label_seq_id 
_struct_conn.ptnr1_label_atom_id 
_struct_conn.pdbx_ptnr1_label_alt_id 
_struct_conn.pdbx_ptnr1_PDB_ins_code 
_struct_conn.pdbx_ptnr1_standard_comp_id 
_struct_conn.ptnr1_symmetry 
_struct_conn.ptnr2_label_asym_id 
_struct_conn.ptnr2_label_comp_id 
_struct_conn.ptnr2_label_seq_id 
_struct_conn.ptnr2_label_atom_id 
_struct_conn.pdbx_ptnr2_label_alt_id 
_struct_conn.pdbx_ptnr2_PDB_ins_code 
_struct_conn.ptnr1_auth_asym_id 
_struct_conn.ptnr1_auth_comp_id 
_struct_conn.ptnr1_auth_seq_id 
_struct_conn.ptnr2_auth_asym_id 
_struct_conn.ptnr2_auth_comp_id 
_struct_conn.ptnr2_auth_seq_id 
_struct_conn.ptnr2_symmetry 
_struct_conn.pdbx_ptnr3_label_atom_id 
_struct_conn.pdbx_ptnr3_label_seq_id 
_struct_conn.pdbx_ptnr3_label_comp_id 
_struct_conn.pdbx_ptnr3_label_asym_id 
_struct_conn.pdbx_ptnr3_label_alt_id 
_struct_conn.pdbx_ptnr3_PDB_ins_code 
_struct_conn.details 
_struct_conn.pdbx_dist_value 
_struct_conn.pdbx_value_order 
_struct_conn.pdbx_role 
hydrog1  hydrog ? ? A DC 1 N3 ? ? ? 1_555 B DG 6 N1 ? ? A DC 1 B DG 12 1_555 ? ? ? ? ? ? WATSON-CRICK ? ? ? 
hydrog2  hydrog ? ? A DC 1 N4 ? ? ? 1_555 B DG 6 O6 ? ? A DC 1 B DG 12 1_555 ? ? ? ? ? ? WATSON-CRICK ? ? ? 
hydrog3  hydrog ? ? A DC 1 O2 ? ? ? 1_555 B DG 6 N2 ? ? A DC 1 B DG 12 1_555 ? ? ? ? ? ? WATSON-CRICK ? ? ? 
hydrog4  hydrog ? ? A DA 2 N1 ? ? ? 1_555 B DT 5 N3 ? ? A DA 2 B DT 11 1_555 ? ? ? ? ? ? WATSON-CRICK ? ? ? 
hydrog5  hydrog ? ? A DA 2 N6 ? ? ? 1_555 B DT 5 O4 ? ? A DA 2 B DT 11 1_555 ? ? ? ? ? ? WATSON-CRICK ? ? ? 
hydrog6  hydrog ? ? A DC 3 N3 ? ? ? 1_555 B DG 4 N1 ? ? A DC 3 B DG 10 1_555 ? ? ? ? ? ? WATSON-CRICK ? ? ? 
hydrog7  hydrog ? ? A DC 3 N4 ? ? ? 1_555 B DG 4 O6 ? ? A DC 3 B DG 10 1_555 ? ? ? ? ? ? WATSON-CRICK ? ? ? 
hydrog8  hydrog ? ? A DC 3 O2 ? ? ? 1_555 B DG 4 N2 ? ? A DC 3 B DG 10 1_555 ? ? ? ? ? ? WATSON-CRICK ? ? ? 
hydrog9  hydrog ? ? A DG 4 N1 ? ? ? 1_555 B DC 3 N3 ? ? A DG 4 B DC 9  1_555 ? ? ? ? ? ? WATSON-CRICK ? ? ? 
hydrog10 hydrog ? ? A DG 4 N2 ? ? ? 1_555 B DC 3 O2 ? ? A DG 4 B DC 9  1_555 ? ? ? ? ? ? WATSON-CRICK ? ? ? 
hydrog11 hydrog ? ? A DG 4 O6 ? ? ? 1_555 B DC 3 N4 ? ? A DG 4 B DC 9  1_555 ? ? ? ? ? ? WATSON-CRICK ? ? ? 
hydrog12 hydrog ? ? A DT 5 N3 ? ? ? 1_555 B DA 2 N1 ? ? A DT 5 B DA 8  1_555 ? ? ? ? ? ? WATSON-CRICK ? ? ? 
hydrog13 hydrog ? ? A DT 5 O4 ? ? ? 1_555 B DA 2 N6 ? ? A DT 5 B DA 8  1_555 ? ? ? ? ? ? WATSON-CRICK ? ? ? 
hydrog14 hydrog ? ? A DG 6 N1 ? ? ? 1_555 B DC 1 N3 ? ? A DG 6 B DC 7  1_555 ? ? ? ? ? ? WATSON-CRICK ? ? ? 
hydrog15 hydrog ? ? A DG 6 N2 ? ? ? 1_555 B DC 1 O2 ? ? A DG 6 B DC 7  1_555 ? ? ? ? ? ? WATSON-CRICK ? ? ? 
hydrog16 hydrog ? ? A DG 6 O6 ? ? ? 1_555 B DC 1 N4 ? ? A DG 6 B DC 7  1_555 ? ? ? ? ? ? WATSON-CRICK ? ? ? 
# 
_struct_conn_type.id          hydrog 
_struct_conn_type.criteria    ? 
_struct_conn_type.reference   ? 
# 
loop_
_pdbx_validate_rmsd_angle.id 
_pdbx_validate_rmsd_angle.PDB_model_num 
_pdbx_validate_rmsd_angle.auth_atom_id_1 
_pdbx_validate_rmsd_angle.auth_asym_id_1 
_pdbx_validate_rmsd_angle.auth_comp_id_1 
_pdbx_validate_rmsd_angle.auth_seq_id_1 
_pdbx_validate_rmsd_angle.PDB_ins_code_1 
_pdbx_validate_rmsd_angle.label_alt_id_1 
_pdbx_validate_rmsd_angle.auth_atom_id_2 
_pdbx_validate_rmsd_angle.auth_asym_id_2 
_pdbx_validate_rmsd_angle.auth_comp_id_2 
_pdbx_validate_rmsd_angle.auth_seq_id_2 
_pdbx_validate_rmsd_angle.PDB_ins_code_2 
_pdbx_validate_rmsd_angle.label_alt_id_2 
_pdbx_validate_rmsd_angle.auth_atom_id_3 
_pdbx_validate_rmsd_angle.auth_asym_id_3 
_pdbx_validate_rmsd_angle.auth_comp_id_3 
_pdbx_validate_rmsd_angle.auth_seq_id_3 
_pdbx_validate_rmsd_angle.PDB_ins_code_3 
_pdbx_validate_rmsd_angle.label_alt_id_3 
_pdbx_validate_rmsd_angle.angle_value 
_pdbx_validate_rmsd_angle.angle_target_value 
_pdbx_validate_rmsd_angle.angle_deviation 
_pdbx_validate_rmsd_angle.angle_standard_deviation 
_pdbx_validate_rmsd_angle.linker_flag 
1 1 "O4'" A DC 1  ? ? "C1'" A DC 1  ? ? N1    A DC 1  ? ? 115.40 108.30 7.10 0.30 N 
2 1 "O4'" A DA 2  ? ? "C1'" A DA 2  ? ? N9    A DA 2  ? ? 110.44 108.30 2.14 0.30 N 
3 1 "O4'" A DT 5  ? ? "C4'" A DT 5  ? ? "C3'" A DT 5  ? ? 112.98 106.00 6.98 0.60 N 
4 1 "O4'" A DG 6  ? ? "C1'" A DG 6  ? ? N9    A DG 6  ? ? 110.60 108.30 2.30 0.30 N 
5 1 "O4'" B DC 7  ? ? "C1'" B DC 7  ? ? N1    B DC 7  ? ? 115.38 108.30 7.08 0.30 N 
6 1 "O4'" B DA 8  ? ? "C1'" B DA 8  ? ? N9    B DA 8  ? ? 110.40 108.30 2.10 0.30 N 
7 1 "O4'" B DT 11 ? ? "C4'" B DT 11 ? ? "C3'" B DT 11 ? ? 112.94 106.00 6.94 0.60 N 
8 1 "O4'" B DG 12 ? ? "C1'" B DG 12 ? ? N9    B DG 12 ? ? 110.65 108.30 2.35 0.30 N 
# 
loop_
_pdbx_validate_planes.id 
_pdbx_validate_planes.PDB_model_num 
_pdbx_validate_planes.auth_comp_id 
_pdbx_validate_planes.auth_asym_id 
_pdbx_validate_planes.auth_seq_id 
_pdbx_validate_planes.PDB_ins_code 
_pdbx_validate_planes.label_alt_id 
_pdbx_validate_planes.rmsd 
_pdbx_validate_planes.type 
1 1 DC A 3  ? ? 0.061 'SIDE CHAIN' 
2 1 DG A 4  ? ? 0.105 'SIDE CHAIN' 
3 1 DG B 10 ? ? 0.103 'SIDE CHAIN' 
# 
_pdbx_nmr_ensemble.entry_id                             1UQC 
_pdbx_nmr_ensemble.conformers_calculated_total_number   ? 
_pdbx_nmr_ensemble.conformers_submitted_total_number    1 
_pdbx_nmr_ensemble.conformer_selection_criteria         ? 
# 
_pdbx_nmr_exptl_sample_conditions.conditions_id       1 
_pdbx_nmr_exptl_sample_conditions.temperature         283 
_pdbx_nmr_exptl_sample_conditions.pressure            ? 
_pdbx_nmr_exptl_sample_conditions.pH                  ? 
_pdbx_nmr_exptl_sample_conditions.ionic_strength      ? 
_pdbx_nmr_exptl_sample_conditions.pressure_units      . 
_pdbx_nmr_exptl_sample_conditions.temperature_units   K 
# 
_pdbx_nmr_details.entry_id   1UQC 
_pdbx_nmr_details.text       'IN 10 MM SODIUM PHOSPHATE BUFFER AT 10 DEGREES CELSIUS, 5.7 MM DOUBLE STRANDED CONCENTRATION' 
# 
_pdbx_nmr_software.classification   refinement 
_pdbx_nmr_software.name             Amber 
_pdbx_nmr_software.version          4.0 
_pdbx_nmr_software.authors          'PEARLMAN,CASE,CALDWELL,SEIBEL,SINGH,WEINER, KOLLMAN' 
_pdbx_nmr_software.ordinal          1 
# 
loop_
_chem_comp_atom.comp_id 
_chem_comp_atom.atom_id 
_chem_comp_atom.type_symbol 
_chem_comp_atom.pdbx_aromatic_flag 
_chem_comp_atom.pdbx_stereo_config 
_chem_comp_atom.pdbx_ordinal 
DA OP3    O N N 1   
DA P      P N N 2   
DA OP1    O N N 3   
DA OP2    O N N 4   
DA "O5'"  O N N 5   
DA "C5'"  C N N 6   
DA "C4'"  C N R 7   
DA "O4'"  O N N 8   
DA "C3'"  C N S 9   
DA "O3'"  O N N 10  
DA "C2'"  C N N 11  
DA "C1'"  C N R 12  
DA N9     N Y N 13  
DA C8     C Y N 14  
DA N7     N Y N 15  
DA C5     C Y N 16  
DA C6     C Y N 17  
DA N6     N N N 18  
DA N1     N Y N 19  
DA C2     C Y N 20  
DA N3     N Y N 21  
DA C4     C Y N 22  
DA HOP3   H N N 23  
DA HOP2   H N N 24  
DA "H5'"  H N N 25  
DA "H5''" H N N 26  
DA "H4'"  H N N 27  
DA "H3'"  H N N 28  
DA "HO3'" H N N 29  
DA "H2'"  H N N 30  
DA "H2''" H N N 31  
DA "H1'"  H N N 32  
DA H8     H N N 33  
DA H61    H N N 34  
DA H62    H N N 35  
DA H2     H N N 36  
DC OP3    O N N 37  
DC P      P N N 38  
DC OP1    O N N 39  
DC OP2    O N N 40  
DC "O5'"  O N N 41  
DC "C5'"  C N N 42  
DC "C4'"  C N R 43  
DC "O4'"  O N N 44  
DC "C3'"  C N S 45  
DC "O3'"  O N N 46  
DC "C2'"  C N N 47  
DC "C1'"  C N R 48  
DC N1     N N N 49  
DC C2     C N N 50  
DC O2     O N N 51  
DC N3     N N N 52  
DC C4     C N N 53  
DC N4     N N N 54  
DC C5     C N N 55  
DC C6     C N N 56  
DC HOP3   H N N 57  
DC HOP2   H N N 58  
DC "H5'"  H N N 59  
DC "H5''" H N N 60  
DC "H4'"  H N N 61  
DC "H3'"  H N N 62  
DC "HO3'" H N N 63  
DC "H2'"  H N N 64  
DC "H2''" H N N 65  
DC "H1'"  H N N 66  
DC H41    H N N 67  
DC H42    H N N 68  
DC H5     H N N 69  
DC H6     H N N 70  
DG OP3    O N N 71  
DG P      P N N 72  
DG OP1    O N N 73  
DG OP2    O N N 74  
DG "O5'"  O N N 75  
DG "C5'"  C N N 76  
DG "C4'"  C N R 77  
DG "O4'"  O N N 78  
DG "C3'"  C N S 79  
DG "O3'"  O N N 80  
DG "C2'"  C N N 81  
DG "C1'"  C N R 82  
DG N9     N Y N 83  
DG C8     C Y N 84  
DG N7     N Y N 85  
DG C5     C Y N 86  
DG C6     C N N 87  
DG O6     O N N 88  
DG N1     N N N 89  
DG C2     C N N 90  
DG N2     N N N 91  
DG N3     N N N 92  
DG C4     C Y N 93  
DG HOP3   H N N 94  
DG HOP2   H N N 95  
DG "H5'"  H N N 96  
DG "H5''" H N N 97  
DG "H4'"  H N N 98  
DG "H3'"  H N N 99  
DG "HO3'" H N N 100 
DG "H2'"  H N N 101 
DG "H2''" H N N 102 
DG "H1'"  H N N 103 
DG H8     H N N 104 
DG H1     H N N 105 
DG H21    H N N 106 
DG H22    H N N 107 
DT OP3    O N N 108 
DT P      P N N 109 
DT OP1    O N N 110 
DT OP2    O N N 111 
DT "O5'"  O N N 112 
DT "C5'"  C N N 113 
DT "C4'"  C N R 114 
DT "O4'"  O N N 115 
DT "C3'"  C N S 116 
DT "O3'"  O N N 117 
DT "C2'"  C N N 118 
DT "C1'"  C N R 119 
DT N1     N N N 120 
DT C2     C N N 121 
DT O2     O N N 122 
DT N3     N N N 123 
DT C4     C N N 124 
DT O4     O N N 125 
DT C5     C N N 126 
DT C7     C N N 127 
DT C6     C N N 128 
DT HOP3   H N N 129 
DT HOP2   H N N 130 
DT "H5'"  H N N 131 
DT "H5''" H N N 132 
DT "H4'"  H N N 133 
DT "H3'"  H N N 134 
DT "HO3'" H N N 135 
DT "H2'"  H N N 136 
DT "H2''" H N N 137 
DT "H1'"  H N N 138 
DT H3     H N N 139 
DT H71    H N N 140 
DT H72    H N N 141 
DT H73    H N N 142 
DT H6     H N N 143 
# 
loop_
_chem_comp_bond.comp_id 
_chem_comp_bond.atom_id_1 
_chem_comp_bond.atom_id_2 
_chem_comp_bond.value_order 
_chem_comp_bond.pdbx_aromatic_flag 
_chem_comp_bond.pdbx_stereo_config 
_chem_comp_bond.pdbx_ordinal 
DA OP3   P      sing N N 1   
DA OP3   HOP3   sing N N 2   
DA P     OP1    doub N N 3   
DA P     OP2    sing N N 4   
DA P     "O5'"  sing N N 5   
DA OP2   HOP2   sing N N 6   
DA "O5'" "C5'"  sing N N 7   
DA "C5'" "C4'"  sing N N 8   
DA "C5'" "H5'"  sing N N 9   
DA "C5'" "H5''" sing N N 10  
DA "C4'" "O4'"  sing N N 11  
DA "C4'" "C3'"  sing N N 12  
DA "C4'" "H4'"  sing N N 13  
DA "O4'" "C1'"  sing N N 14  
DA "C3'" "O3'"  sing N N 15  
DA "C3'" "C2'"  sing N N 16  
DA "C3'" "H3'"  sing N N 17  
DA "O3'" "HO3'" sing N N 18  
DA "C2'" "C1'"  sing N N 19  
DA "C2'" "H2'"  sing N N 20  
DA "C2'" "H2''" sing N N 21  
DA "C1'" N9     sing N N 22  
DA "C1'" "H1'"  sing N N 23  
DA N9    C8     sing Y N 24  
DA N9    C4     sing Y N 25  
DA C8    N7     doub Y N 26  
DA C8    H8     sing N N 27  
DA N7    C5     sing Y N 28  
DA C5    C6     sing Y N 29  
DA C5    C4     doub Y N 30  
DA C6    N6     sing N N 31  
DA C6    N1     doub Y N 32  
DA N6    H61    sing N N 33  
DA N6    H62    sing N N 34  
DA N1    C2     sing Y N 35  
DA C2    N3     doub Y N 36  
DA C2    H2     sing N N 37  
DA N3    C4     sing Y N 38  
DC OP3   P      sing N N 39  
DC OP3   HOP3   sing N N 40  
DC P     OP1    doub N N 41  
DC P     OP2    sing N N 42  
DC P     "O5'"  sing N N 43  
DC OP2   HOP2   sing N N 44  
DC "O5'" "C5'"  sing N N 45  
DC "C5'" "C4'"  sing N N 46  
DC "C5'" "H5'"  sing N N 47  
DC "C5'" "H5''" sing N N 48  
DC "C4'" "O4'"  sing N N 49  
DC "C4'" "C3'"  sing N N 50  
DC "C4'" "H4'"  sing N N 51  
DC "O4'" "C1'"  sing N N 52  
DC "C3'" "O3'"  sing N N 53  
DC "C3'" "C2'"  sing N N 54  
DC "C3'" "H3'"  sing N N 55  
DC "O3'" "HO3'" sing N N 56  
DC "C2'" "C1'"  sing N N 57  
DC "C2'" "H2'"  sing N N 58  
DC "C2'" "H2''" sing N N 59  
DC "C1'" N1     sing N N 60  
DC "C1'" "H1'"  sing N N 61  
DC N1    C2     sing N N 62  
DC N1    C6     sing N N 63  
DC C2    O2     doub N N 64  
DC C2    N3     sing N N 65  
DC N3    C4     doub N N 66  
DC C4    N4     sing N N 67  
DC C4    C5     sing N N 68  
DC N4    H41    sing N N 69  
DC N4    H42    sing N N 70  
DC C5    C6     doub N N 71  
DC C5    H5     sing N N 72  
DC C6    H6     sing N N 73  
DG OP3   P      sing N N 74  
DG OP3   HOP3   sing N N 75  
DG P     OP1    doub N N 76  
DG P     OP2    sing N N 77  
DG P     "O5'"  sing N N 78  
DG OP2   HOP2   sing N N 79  
DG "O5'" "C5'"  sing N N 80  
DG "C5'" "C4'"  sing N N 81  
DG "C5'" "H5'"  sing N N 82  
DG "C5'" "H5''" sing N N 83  
DG "C4'" "O4'"  sing N N 84  
DG "C4'" "C3'"  sing N N 85  
DG "C4'" "H4'"  sing N N 86  
DG "O4'" "C1'"  sing N N 87  
DG "C3'" "O3'"  sing N N 88  
DG "C3'" "C2'"  sing N N 89  
DG "C3'" "H3'"  sing N N 90  
DG "O3'" "HO3'" sing N N 91  
DG "C2'" "C1'"  sing N N 92  
DG "C2'" "H2'"  sing N N 93  
DG "C2'" "H2''" sing N N 94  
DG "C1'" N9     sing N N 95  
DG "C1'" "H1'"  sing N N 96  
DG N9    C8     sing Y N 97  
DG N9    C4     sing Y N 98  
DG C8    N7     doub Y N 99  
DG C8    H8     sing N N 100 
DG N7    C5     sing Y N 101 
DG C5    C6     sing N N 102 
DG C5    C4     doub Y N 103 
DG C6    O6     doub N N 104 
DG C6    N1     sing N N 105 
DG N1    C2     sing N N 106 
DG N1    H1     sing N N 107 
DG C2    N2     sing N N 108 
DG C2    N3     doub N N 109 
DG N2    H21    sing N N 110 
DG N2    H22    sing N N 111 
DG N3    C4     sing N N 112 
DT OP3   P      sing N N 113 
DT OP3   HOP3   sing N N 114 
DT P     OP1    doub N N 115 
DT P     OP2    sing N N 116 
DT P     "O5'"  sing N N 117 
DT OP2   HOP2   sing N N 118 
DT "O5'" "C5'"  sing N N 119 
DT "C5'" "C4'"  sing N N 120 
DT "C5'" "H5'"  sing N N 121 
DT "C5'" "H5''" sing N N 122 
DT "C4'" "O4'"  sing N N 123 
DT "C4'" "C3'"  sing N N 124 
DT "C4'" "H4'"  sing N N 125 
DT "O4'" "C1'"  sing N N 126 
DT "C3'" "O3'"  sing N N 127 
DT "C3'" "C2'"  sing N N 128 
DT "C3'" "H3'"  sing N N 129 
DT "O3'" "HO3'" sing N N 130 
DT "C2'" "C1'"  sing N N 131 
DT "C2'" "H2'"  sing N N 132 
DT "C2'" "H2''" sing N N 133 
DT "C1'" N1     sing N N 134 
DT "C1'" "H1'"  sing N N 135 
DT N1    C2     sing N N 136 
DT N1    C6     sing N N 137 
DT C2    O2     doub N N 138 
DT C2    N3     sing N N 139 
DT N3    C4     sing N N 140 
DT N3    H3     sing N N 141 
DT C4    O4     doub N N 142 
DT C4    C5     sing N N 143 
DT C5    C7     sing N N 144 
DT C5    C6     doub N N 145 
DT C7    H71    sing N N 146 
DT C7    H72    sing N N 147 
DT C7    H73    sing N N 148 
DT C6    H6     sing N N 149 
# 
_ndb_struct_conf_na.entry_id   1UQC 
_ndb_struct_conf_na.feature    'double helix' 
# 
loop_
_ndb_struct_na_base_pair.model_number 
_ndb_struct_na_base_pair.i_label_asym_id 
_ndb_struct_na_base_pair.i_label_comp_id 
_ndb_struct_na_base_pair.i_label_seq_id 
_ndb_struct_na_base_pair.i_symmetry 
_ndb_struct_na_base_pair.j_label_asym_id 
_ndb_struct_na_base_pair.j_label_comp_id 
_ndb_struct_na_base_pair.j_label_seq_id 
_ndb_struct_na_base_pair.j_symmetry 
_ndb_struct_na_base_pair.shear 
_ndb_struct_na_base_pair.stretch 
_ndb_struct_na_base_pair.stagger 
_ndb_struct_na_base_pair.buckle 
_ndb_struct_na_base_pair.propeller 
_ndb_struct_na_base_pair.opening 
_ndb_struct_na_base_pair.pair_number 
_ndb_struct_na_base_pair.pair_name 
_ndb_struct_na_base_pair.i_auth_asym_id 
_ndb_struct_na_base_pair.i_auth_seq_id 
_ndb_struct_na_base_pair.i_PDB_ins_code 
_ndb_struct_na_base_pair.j_auth_asym_id 
_ndb_struct_na_base_pair.j_auth_seq_id 
_ndb_struct_na_base_pair.j_PDB_ins_code 
_ndb_struct_na_base_pair.hbond_type_28 
_ndb_struct_na_base_pair.hbond_type_12 
1 A DC 1 1_555 B DG 6 1_555 0.320  -0.178 0.265  -6.066  11.661  1.144  1 A_DC1:DG12_B A 1 ? B 12 ? 19 1 
1 A DA 2 1_555 B DT 5 1_555 -0.268 -0.215 0.366  14.219  -26.223 -0.998 2 A_DA2:DT11_B A 2 ? B 11 ? 20 1 
1 A DC 3 1_555 B DG 4 1_555 0.629  -0.236 -0.599 24.148  -7.706  -1.466 3 A_DC3:DG10_B A 3 ? B 10 ? 19 1 
1 A DG 4 1_555 B DC 3 1_555 -0.626 -0.237 -0.604 -24.110 -7.652  -1.487 4 A_DG4:DC9_B  A 4 ? B 9  ? 19 1 
1 A DT 5 1_555 B DA 2 1_555 0.256  -0.210 0.362  -13.897 -25.771 -0.867 5 A_DT5:DA8_B  A 5 ? B 8  ? 20 1 
1 A DG 6 1_555 B DC 1 1_555 -0.332 -0.180 0.269  6.704   11.769  1.173  6 A_DG6:DC7_B  A 6 ? B 7  ? 19 1 
# 
loop_
_ndb_struct_na_base_pair_step.model_number 
_ndb_struct_na_base_pair_step.i_label_asym_id_1 
_ndb_struct_na_base_pair_step.i_label_comp_id_1 
_ndb_struct_na_base_pair_step.i_label_seq_id_1 
_ndb_struct_na_base_pair_step.i_symmetry_1 
_ndb_struct_na_base_pair_step.j_label_asym_id_1 
_ndb_struct_na_base_pair_step.j_label_comp_id_1 
_ndb_struct_na_base_pair_step.j_label_seq_id_1 
_ndb_struct_na_base_pair_step.j_symmetry_1 
_ndb_struct_na_base_pair_step.i_label_asym_id_2 
_ndb_struct_na_base_pair_step.i_label_comp_id_2 
_ndb_struct_na_base_pair_step.i_label_seq_id_2 
_ndb_struct_na_base_pair_step.i_symmetry_2 
_ndb_struct_na_base_pair_step.j_label_asym_id_2 
_ndb_struct_na_base_pair_step.j_label_comp_id_2 
_ndb_struct_na_base_pair_step.j_label_seq_id_2 
_ndb_struct_na_base_pair_step.j_symmetry_2 
_ndb_struct_na_base_pair_step.shift 
_ndb_struct_na_base_pair_step.slide 
_ndb_struct_na_base_pair_step.rise 
_ndb_struct_na_base_pair_step.tilt 
_ndb_struct_na_base_pair_step.roll 
_ndb_struct_na_base_pair_step.twist 
_ndb_struct_na_base_pair_step.x_displacement 
_ndb_struct_na_base_pair_step.y_displacement 
_ndb_struct_na_base_pair_step.helical_rise 
_ndb_struct_na_base_pair_step.inclination 
_ndb_struct_na_base_pair_step.tip 
_ndb_struct_na_base_pair_step.helical_twist 
_ndb_struct_na_base_pair_step.step_number 
_ndb_struct_na_base_pair_step.step_name 
_ndb_struct_na_base_pair_step.i_auth_asym_id_1 
_ndb_struct_na_base_pair_step.i_auth_seq_id_1 
_ndb_struct_na_base_pair_step.i_PDB_ins_code_1 
_ndb_struct_na_base_pair_step.j_auth_asym_id_1 
_ndb_struct_na_base_pair_step.j_auth_seq_id_1 
_ndb_struct_na_base_pair_step.j_PDB_ins_code_1 
_ndb_struct_na_base_pair_step.i_auth_asym_id_2 
_ndb_struct_na_base_pair_step.i_auth_seq_id_2 
_ndb_struct_na_base_pair_step.i_PDB_ins_code_2 
_ndb_struct_na_base_pair_step.j_auth_asym_id_2 
_ndb_struct_na_base_pair_step.j_auth_seq_id_2 
_ndb_struct_na_base_pair_step.j_PDB_ins_code_2 
1 A DC 1 1_555 B DG 6 1_555 A DA 2 1_555 B DT 5 1_555 -0.703 0.374  2.935 4.730  -5.467 36.284 1.235  1.667  2.742 -8.673 -7.504 
36.974 1 AA_DC1DA2:DT11DG12_BB A 1 ? B 12 ? A 2 ? B 11 ? 
1 A DA 2 1_555 B DT 5 1_555 A DC 3 1_555 B DG 4 1_555 0.227  -0.755 3.311 1.072  -4.296 40.182 -0.598 -0.205 3.376 -6.230 -1.554 
40.415 2 AA_DA2DC3:DG10DT11_BB A 2 ? B 11 ? A 3 ? B 10 ? 
1 A DC 3 1_555 B DG 4 1_555 A DG 4 1_555 B DC 3 1_555 -0.004 -0.479 3.909 0.025  20.417 43.991 -2.456 0.007  3.387 25.679 -0.031 
48.284 3 AA_DC3DG4:DC9DG10_BB  A 3 ? B 10 ? A 4 ? B 9  ? 
1 A DG 4 1_555 B DC 3 1_555 A DT 5 1_555 B DA 2 1_555 -0.209 -0.778 3.307 -1.030 -4.544 40.082 -0.604 0.183  3.375 -6.602 1.497  
40.341 4 AA_DG4DT5:DA8DC9_BB   A 4 ? B 9  ? A 5 ? B 8  ? 
1 A DT 5 1_555 B DA 2 1_555 A DG 6 1_555 B DC 1 1_555 0.696  0.378  2.933 -4.776 -5.543 36.312 1.247  -1.659 2.737 -8.784 7.568  
37.017 5 AA_DT5DG6:DC7DA8_BB   A 5 ? B 8  ? A 6 ? B 7  ? 
# 
_atom_sites.entry_id                    1UQC 
_atom_sites.fract_transf_matrix[1][1]   1.000000 
_atom_sites.fract_transf_matrix[1][2]   0.000000 
_atom_sites.fract_transf_matrix[1][3]   0.000000 
_atom_sites.fract_transf_matrix[2][1]   0.000000 
_atom_sites.fract_transf_matrix[2][2]   1.000000 
_atom_sites.fract_transf_matrix[2][3]   0.000000 
_atom_sites.fract_transf_matrix[3][1]   0.000000 
_atom_sites.fract_transf_matrix[3][2]   0.000000 
_atom_sites.fract_transf_matrix[3][3]   1.000000 
_atom_sites.fract_transf_vector[1]      0.00000 
_atom_sites.fract_transf_vector[2]      0.00000 
_atom_sites.fract_transf_vector[3]      0.00000 
# 
loop_
_atom_type.symbol 
C 
H 
N 
O 
P 
# 
loop_
_atom_site.group_PDB 
_atom_site.id 
_atom_site.type_symbol 
_atom_site.label_atom_id 
_atom_site.label_alt_id 
_atom_site.label_comp_id 
_atom_site.label_asym_id 
_atom_site.label_entity_id 
_atom_site.label_seq_id 
_atom_site.pdbx_PDB_ins_code 
_atom_site.Cartn_x 
_atom_site.Cartn_y 
_atom_site.Cartn_z 
_atom_site.occupancy 
_atom_site.B_iso_or_equiv 
_atom_site.pdbx_formal_charge 
_atom_site.auth_seq_id 
_atom_site.auth_comp_id 
_atom_site.auth_asym_id 
_atom_site.auth_atom_id 
_atom_site.pdbx_PDB_model_num 
ATOM 1   O "O5'"  . DC A 1 1 ? -7.484 6.689   -6.515  1.00 0.00 ? 1  DC A "O5'"  1 
ATOM 2   C "C5'"  . DC A 1 1 ? -6.978 7.346   -7.656  1.00 0.00 ? 1  DC A "C5'"  1 
ATOM 3   C "C4'"  . DC A 1 1 ? -5.443 7.367   -7.673  1.00 0.00 ? 1  DC A "C4'"  1 
ATOM 4   O "O4'"  . DC A 1 1 ? -4.953 8.193   -6.629  1.00 0.00 ? 1  DC A "O4'"  1 
ATOM 5   C "C3'"  . DC A 1 1 ? -4.819 5.967   -7.553  1.00 0.00 ? 1  DC A "C3'"  1 
ATOM 6   O "O3'"  . DC A 1 1 ? -3.636 5.969   -8.334  1.00 0.00 ? 1  DC A "O3'"  1 
ATOM 7   C "C2'"  . DC A 1 1 ? -4.464 5.943   -6.033  1.00 0.00 ? 1  DC A "C2'"  1 
ATOM 8   C "C1'"  . DC A 1 1 ? -4.088 7.434   -5.809  1.00 0.00 ? 1  DC A "C1'"  1 
ATOM 9   N N1     . DC A 1 1 ? -4.165 7.726   -4.369  1.00 0.00 ? 1  DC A N1     1 
ATOM 10  C C2     . DC A 1 1 ? -3.014 7.710   -3.587  1.00 0.00 ? 1  DC A C2     1 
ATOM 11  O O2     . DC A 1 1 ? -1.900 7.582   -4.087  1.00 0.00 ? 1  DC A O2     1 
ATOM 12  N N3     . DC A 1 1 ? -3.135 7.831   -2.235  1.00 0.00 ? 1  DC A N3     1 
ATOM 13  C C4     . DC A 1 1 ? -4.348 7.899   -1.674  1.00 0.00 ? 1  DC A C4     1 
ATOM 14  N N4     . DC A 1 1 ? -4.414 7.976   -0.350  1.00 0.00 ? 1  DC A N4     1 
ATOM 15  C C5     . DC A 1 1 ? -5.549 7.840   -2.459  1.00 0.00 ? 1  DC A C5     1 
ATOM 16  C C6     . DC A 1 1 ? -5.389 7.753   -3.802  1.00 0.00 ? 1  DC A C6     1 
ATOM 17  H "H5'"  . DC A 1 1 ? -7.353 8.370   -7.671  1.00 0.00 ? 1  DC A "H5'"  1 
ATOM 18  H "H5''" . DC A 1 1 ? -7.342 6.830   -8.545  1.00 0.00 ? 1  DC A "H5''" 1 
ATOM 19  H "H4'"  . DC A 1 1 ? -5.145 7.811   -8.625  1.00 0.00 ? 1  DC A "H4'"  1 
ATOM 20  H "H3'"  . DC A 1 1 ? -5.571 5.254   -7.952  1.00 0.00 ? 1  DC A "H3'"  1 
ATOM 21  H "H2'"  . DC A 1 1 ? -5.299 5.420   -5.517  1.00 0.00 ? 1  DC A "H2'"  1 
ATOM 22  H "H2''" . DC A 1 1 ? -3.659 5.447   -5.497  1.00 0.00 ? 1  DC A "H2''" 1 
ATOM 23  H "H1'"  . DC A 1 1 ? -3.096 7.776   -6.188  1.00 0.00 ? 1  DC A "H1'"  1 
ATOM 24  H H41    . DC A 1 1 ? -3.552 7.962   0.187   1.00 0.00 ? 1  DC A H41    1 
ATOM 25  H H42    . DC A 1 1 ? -5.301 7.997   0.122   1.00 0.00 ? 1  DC A H42    1 
ATOM 26  H H5     . DC A 1 1 ? -6.544 7.852   -2.040  1.00 0.00 ? 1  DC A H5     1 
ATOM 27  H H6     . DC A 1 1 ? -6.178 7.644   -4.527  1.00 0.00 ? 1  DC A H6     1 
ATOM 28  H "HO5'" . DC A 1 1 ? -7.205 5.770   -6.539  1.00 0.00 ? 1  DC A "HO5'" 1 
ATOM 29  P P      . DA A 1 2 ? -3.087 4.667   -9.103  1.00 0.00 ? 2  DA A P      1 
ATOM 30  O OP1    . DA A 1 2 ? -3.354 4.770   -10.554 1.00 0.00 ? 2  DA A OP1    1 
ATOM 31  O OP2    . DA A 1 2 ? -3.655 3.442   -8.500  1.00 0.00 ? 2  DA A OP2    1 
ATOM 32  O "O5'"  . DA A 1 2 ? -1.514 4.689   -8.840  1.00 0.00 ? 2  DA A "O5'"  1 
ATOM 33  C "C5'"  . DA A 1 2 ? -0.638 5.507   -9.592  1.00 0.00 ? 2  DA A "C5'"  1 
ATOM 34  C "C4'"  . DA A 1 2 ? 0.711  5.614   -8.865  1.00 0.00 ? 2  DA A "C4'"  1 
ATOM 35  O "O4'"  . DA A 1 2 ? 0.340  5.994   -7.544  1.00 0.00 ? 2  DA A "O4'"  1 
ATOM 36  C "C3'"  . DA A 1 2 ? 1.519  4.316   -8.718  1.00 0.00 ? 2  DA A "C3'"  1 
ATOM 37  O "O3'"  . DA A 1 2 ? 2.921  4.544   -8.759  1.00 0.00 ? 2  DA A "O3'"  1 
ATOM 38  C "C2'"  . DA A 1 2 ? 1.056  3.750   -7.409  1.00 0.00 ? 2  DA A "C2'"  1 
ATOM 39  C "C1'"  . DA A 1 2 ? 0.810  5.021   -6.628  1.00 0.00 ? 2  DA A "C1'"  1 
ATOM 40  N N9     . DA A 1 2 ? -0.223 4.703   -5.646  1.00 0.00 ? 2  DA A N9     1 
ATOM 41  C C8     . DA A 1 2 ? -1.377 3.982   -5.747  1.00 0.00 ? 2  DA A C8     1 
ATOM 42  N N7     . DA A 1 2 ? -1.998 3.808   -4.602  1.00 0.00 ? 2  DA A N7     1 
ATOM 43  C C5     . DA A 1 2 ? -1.155 4.447   -3.688  1.00 0.00 ? 2  DA A C5     1 
ATOM 44  C C6     . DA A 1 2 ? -1.153 4.657   -2.295  1.00 0.00 ? 2  DA A C6     1 
ATOM 45  N N6     . DA A 1 2 ? -2.178 4.299   -1.521  1.00 0.00 ? 2  DA A N6     1 
ATOM 46  N N1     . DA A 1 2 ? -0.070 5.230   -1.729  1.00 0.00 ? 2  DA A N1     1 
ATOM 47  C C2     . DA A 1 2 ? 0.951  5.568   -2.521  1.00 0.00 ? 2  DA A C2     1 
ATOM 48  N N3     . DA A 1 2 ? 1.045  5.480   -3.814  1.00 0.00 ? 2  DA A N3     1 
ATOM 49  C C4     . DA A 1 2 ? -0.055 4.924   -4.331  1.00 0.00 ? 2  DA A C4     1 
ATOM 50  H "H5'"  . DA A 1 2 ? -1.061 6.509   -9.679  1.00 0.00 ? 2  DA A "H5'"  1 
ATOM 51  H "H5''" . DA A 1 2 ? -0.498 5.092   -10.592 1.00 0.00 ? 2  DA A "H5''" 1 
ATOM 52  H "H4'"  . DA A 1 2 ? 1.292  6.385   -9.371  1.00 0.00 ? 2  DA A "H4'"  1 
ATOM 53  H "H3'"  . DA A 1 2 ? 1.239  3.580   -9.438  1.00 0.00 ? 2  DA A "H3'"  1 
ATOM 54  H "H2'"  . DA A 1 2 ? 0.223  3.069   -7.553  1.00 0.00 ? 2  DA A "H2'"  1 
ATOM 55  H "H2''" . DA A 1 2 ? 1.814  3.186   -6.942  1.00 0.00 ? 2  DA A "H2''" 1 
ATOM 56  H "H1'"  . DA A 1 2 ? 1.711  5.342   -6.079  1.00 0.00 ? 2  DA A "H1'"  1 
ATOM 57  H H8     . DA A 1 2 ? -1.671 3.592   -6.712  1.00 0.00 ? 2  DA A H8     1 
ATOM 58  H H61    . DA A 1 2 ? -2.200 4.515   -0.531  1.00 0.00 ? 2  DA A H61    1 
ATOM 59  H H62    . DA A 1 2 ? -2.948 3.814   -1.956  1.00 0.00 ? 2  DA A H62    1 
ATOM 60  H H2     . DA A 1 2 ? 1.874  6.002   -2.218  1.00 0.00 ? 2  DA A H2     1 
ATOM 61  P P      . DC A 1 3 ? 3.976  3.327   -8.836  1.00 0.00 ? 3  DC A P      1 
ATOM 62  O OP1    . DC A 1 3 ? 5.224  3.767   -9.496  1.00 0.00 ? 3  DC A OP1    1 
ATOM 63  O OP2    . DC A 1 3 ? 3.360  2.151   -9.489  1.00 0.00 ? 3  DC A OP2    1 
ATOM 64  O "O5'"  . DC A 1 3 ? 4.235  3.025   -7.284  1.00 0.00 ? 3  DC A "O5'"  1 
ATOM 65  C "C5'"  . DC A 1 3 ? 5.217  3.747   -6.569  1.00 0.00 ? 3  DC A "C5'"  1 
ATOM 66  C "C4'"  . DC A 1 3 ? 5.542  3.115   -5.213  1.00 0.00 ? 3  DC A "C4'"  1 
ATOM 67  O "O4'"  . DC A 1 3 ? 4.401  3.282   -4.406  1.00 0.00 ? 3  DC A "O4'"  1 
ATOM 68  C "C3'"  . DC A 1 3 ? 5.973  1.657   -5.080  1.00 0.00 ? 3  DC A "C3'"  1 
ATOM 69  O "O3'"  . DC A 1 3 ? 7.022  1.551   -4.123  1.00 0.00 ? 3  DC A "O3'"  1 
ATOM 70  C "C2'"  . DC A 1 3 ? 4.761  0.909   -4.555  1.00 0.00 ? 3  DC A "C2'"  1 
ATOM 71  C "C1'"  . DC A 1 3 ? 4.137  2.066   -3.751  1.00 0.00 ? 3  DC A "C1'"  1 
ATOM 72  N N1     . DC A 1 3 ? 2.679  1.929   -3.558  1.00 0.00 ? 3  DC A N1     1 
ATOM 73  C C2     . DC A 1 3 ? 2.132  2.241   -2.318  1.00 0.00 ? 3  DC A C2     1 
ATOM 74  O O2     . DC A 1 3 ? 2.804  2.749   -1.422  1.00 0.00 ? 3  DC A O2     1 
ATOM 75  N N3     . DC A 1 3 ? 0.820  1.965   -2.088  1.00 0.00 ? 3  DC A N3     1 
ATOM 76  C C4     . DC A 1 3 ? 0.072  1.430   -3.059  1.00 0.00 ? 3  DC A C4     1 
ATOM 77  N N4     . DC A 1 3 ? -1.203 1.189   -2.786  1.00 0.00 ? 3  DC A N4     1 
ATOM 78  C C5     . DC A 1 3 ? 0.581  1.199   -4.378  1.00 0.00 ? 3  DC A C5     1 
ATOM 79  C C6     . DC A 1 3 ? 1.896  1.462   -4.577  1.00 0.00 ? 3  DC A C6     1 
ATOM 80  H "H5'"  . DC A 1 3 ? 4.883  4.776   -6.427  1.00 0.00 ? 3  DC A "H5'"  1 
ATOM 81  H "H5''" . DC A 1 3 ? 6.148  3.759   -7.137  1.00 0.00 ? 3  DC A "H5''" 1 
ATOM 82  H "H4'"  . DC A 1 3 ? 6.352  3.685   -4.769  1.00 0.00 ? 3  DC A "H4'"  1 
ATOM 83  H "H3'"  . DC A 1 3 ? 6.180  1.311   -6.076  1.00 0.00 ? 3  DC A "H3'"  1 
ATOM 84  H "H2'"  . DC A 1 3 ? 4.209  0.396   -5.352  1.00 0.00 ? 3  DC A "H2'"  1 
ATOM 85  H "H2''" . DC A 1 3 ? 5.046  0.097   -3.900  1.00 0.00 ? 3  DC A "H2''" 1 
ATOM 86  H "H1'"  . DC A 1 3 ? 4.699  2.173   -2.821  1.00 0.00 ? 3  DC A "H1'"  1 
ATOM 87  H H41    . DC A 1 3 ? -1.486 1.257   -1.816  1.00 0.00 ? 3  DC A H41    1 
ATOM 88  H H42    . DC A 1 3 ? -1.846 0.918   -3.508  1.00 0.00 ? 3  DC A H42    1 
ATOM 89  H H5     . DC A 1 3 ? -0.021 0.781   -5.171  1.00 0.00 ? 3  DC A H5     1 
ATOM 90  H H6     . DC A 1 3 ? 2.376  1.302   -5.541  1.00 0.00 ? 3  DC A H6     1 
ATOM 91  P P      . DG A 1 4 ? 7.954  0.255   -3.953  1.00 0.00 ? 4  DG A P      1 
ATOM 92  O OP1    . DG A 1 4 ? 9.375  0.612   -4.159  1.00 0.00 ? 4  DG A OP1    1 
ATOM 93  O OP2    . DG A 1 4 ? 7.501  -0.825  -4.857  1.00 0.00 ? 4  DG A OP2    1 
ATOM 94  O "O5'"  . DG A 1 4 ? 7.724  -0.193  -2.423  1.00 0.00 ? 4  DG A "O5'"  1 
ATOM 95  C "C5'"  . DG A 1 4 ? 8.433  0.444   -1.374  1.00 0.00 ? 4  DG A "C5'"  1 
ATOM 96  C "C4'"  . DG A 1 4 ? 8.047  -0.045  0.033   1.00 0.00 ? 4  DG A "C4'"  1 
ATOM 97  O "O4'"  . DG A 1 4 ? 6.755  0.453   0.375   1.00 0.00 ? 4  DG A "O4'"  1 
ATOM 98  C "C3'"  . DG A 1 4 ? 8.008  -1.565  0.233   1.00 0.00 ? 4  DG A "C3'"  1 
ATOM 99  O "O3'"  . DG A 1 4 ? 8.532  -1.823  1.531   1.00 0.00 ? 4  DG A "O3'"  1 
ATOM 100 C "C2'"  . DG A 1 4 ? 6.515  -1.833  0.130   1.00 0.00 ? 4  DG A "C2'"  1 
ATOM 101 C "C1'"  . DG A 1 4 ? 5.896  -0.611  0.764   1.00 0.00 ? 4  DG A "C1'"  1 
ATOM 102 N N9     . DG A 1 4 ? 4.580  -0.426  0.108   1.00 0.00 ? 4  DG A N9     1 
ATOM 103 C C8     . DG A 1 4 ? 4.441  -0.147  -1.218  1.00 0.00 ? 4  DG A C8     1 
ATOM 104 N N7     . DG A 1 4 ? 3.271  -0.395  -1.723  1.00 0.00 ? 4  DG A N7     1 
ATOM 105 C C5     . DG A 1 4 ? 2.542  -0.817  -0.623  1.00 0.00 ? 4  DG A C5     1 
ATOM 106 C C6     . DG A 1 4 ? 1.191  -1.259  -0.556  1.00 0.00 ? 4  DG A C6     1 
ATOM 107 O O6     . DG A 1 4 ? 0.390  -1.374  -1.481  1.00 0.00 ? 4  DG A O6     1 
ATOM 108 N N1     . DG A 1 4 ? 0.805  -1.595  0.728   1.00 0.00 ? 4  DG A N1     1 
ATOM 109 C C2     . DG A 1 4 ? 1.646  -1.571  1.817   1.00 0.00 ? 4  DG A C2     1 
ATOM 110 N N2     . DG A 1 4 ? 1.151  -1.953  2.987   1.00 0.00 ? 4  DG A N2     1 
ATOM 111 N N3     . DG A 1 4 ? 2.934  -1.217  1.754   1.00 0.00 ? 4  DG A N3     1 
ATOM 112 C C4     . DG A 1 4 ? 3.324  -0.837  0.510   1.00 0.00 ? 4  DG A C4     1 
ATOM 113 H "H5'"  . DG A 1 4 ? 8.271  1.522   -1.424  1.00 0.00 ? 4  DG A "H5'"  1 
ATOM 114 H "H5''" . DG A 1 4 ? 9.498  0.250   -1.512  1.00 0.00 ? 4  DG A "H5''" 1 
ATOM 115 H "H4'"  . DG A 1 4 ? 8.767  0.392   0.727   1.00 0.00 ? 4  DG A "H4'"  1 
ATOM 116 H "H3'"  . DG A 1 4 ? 8.567  -2.151  -0.492  1.00 0.00 ? 4  DG A "H3'"  1 
ATOM 117 H "H2'"  . DG A 1 4 ? 6.074  -1.973  -0.850  1.00 0.00 ? 4  DG A "H2'"  1 
ATOM 118 H "H2''" . DG A 1 4 ? 6.315  -2.719  0.663   1.00 0.00 ? 4  DG A "H2''" 1 
ATOM 119 H "H1'"  . DG A 1 4 ? 5.900  -0.787  1.835   1.00 0.00 ? 4  DG A "H1'"  1 
ATOM 120 H H8     . DG A 1 4 ? 5.302  0.131   -1.797  1.00 0.00 ? 4  DG A H8     1 
ATOM 121 H H1     . DG A 1 4 ? -0.177 -1.860  0.813   1.00 0.00 ? 4  DG A H1     1 
ATOM 122 H H21    . DG A 1 4 ? 0.186  -2.262  3.048   1.00 0.00 ? 4  DG A H21    1 
ATOM 123 H H22    . DG A 1 4 ? 1.758  -1.961  3.792   1.00 0.00 ? 4  DG A H22    1 
ATOM 124 P P      . DT A 1 5 ? 8.606  -3.298  2.163   1.00 0.00 ? 5  DT A P      1 
ATOM 125 O OP1    . DT A 1 5 ? 9.613  -3.337  3.247   1.00 0.00 ? 5  DT A OP1    1 
ATOM 126 O OP2    . DT A 1 5 ? 8.881  -4.283  1.094   1.00 0.00 ? 5  DT A OP2    1 
ATOM 127 O "O5'"  . DT A 1 5 ? 7.155  -3.574  2.772   1.00 0.00 ? 5  DT A "O5'"  1 
ATOM 128 C "C5'"  . DT A 1 5 ? 6.726  -2.954  3.968   1.00 0.00 ? 5  DT A "C5'"  1 
ATOM 129 C "C4'"  . DT A 1 5 ? 5.444  -3.640  4.435   1.00 0.00 ? 5  DT A "C4'"  1 
ATOM 130 O "O4'"  . DT A 1 5 ? 4.306  -3.337  3.660   1.00 0.00 ? 5  DT A "O4'"  1 
ATOM 131 C "C3'"  . DT A 1 5 ? 5.503  -5.084  4.852   1.00 0.00 ? 5  DT A "C3'"  1 
ATOM 132 O "O3'"  . DT A 1 5 ? 5.271  -5.336  6.234   1.00 0.00 ? 5  DT A "O3'"  1 
ATOM 133 C "C2'"  . DT A 1 5 ? 4.515  -5.640  3.878   1.00 0.00 ? 5  DT A "C2'"  1 
ATOM 134 C "C1'"  . DT A 1 5 ? 3.539  -4.509  3.553   1.00 0.00 ? 5  DT A "C1'"  1 
ATOM 135 N N1     . DT A 1 5 ? 3.127  -4.653  2.141   1.00 0.00 ? 5  DT A N1     1 
ATOM 136 C C2     . DT A 1 5 ? 1.804  -4.931  1.835   1.00 0.00 ? 5  DT A C2     1 
ATOM 137 O O2     . DT A 1 5 ? 0.924  -5.044  2.682   1.00 0.00 ? 5  DT A O2     1 
ATOM 138 N N3     . DT A 1 5 ? 1.521  -5.094  0.496   1.00 0.00 ? 5  DT A N3     1 
ATOM 139 C C4     . DT A 1 5 ? 2.438  -5.112  -0.539  1.00 0.00 ? 5  DT A C4     1 
ATOM 140 O O4     . DT A 1 5 ? 2.033  -5.198  -1.696  1.00 0.00 ? 5  DT A O4     1 
ATOM 141 C C5     . DT A 1 5 ? 3.826  -4.992  -0.119  1.00 0.00 ? 5  DT A C5     1 
ATOM 142 C C7     . DT A 1 5 ? 4.964  -5.290  -1.095  1.00 0.00 ? 5  DT A C7     1 
ATOM 143 C C6     . DT A 1 5 ? 4.102  -4.735  1.183   1.00 0.00 ? 5  DT A C6     1 
ATOM 144 H "H5'"  . DT A 1 5 ? 6.550  -1.890  3.810   1.00 0.00 ? 5  DT A "H5'"  1 
ATOM 145 H "H5''" . DT A 1 5 ? 7.478  -3.078  4.748   1.00 0.00 ? 5  DT A "H5''" 1 
ATOM 146 H "H4'"  . DT A 1 5 ? 5.068  -3.318  5.388   1.00 0.00 ? 5  DT A "H4'"  1 
ATOM 147 H "H3'"  . DT A 1 5 ? 6.469  -5.434  4.532   1.00 0.00 ? 5  DT A "H3'"  1 
ATOM 148 H "H2'"  . DT A 1 5 ? 4.900  -6.263  3.063   1.00 0.00 ? 5  DT A "H2'"  1 
ATOM 149 H "H2''" . DT A 1 5 ? 3.993  -6.215  4.599   1.00 0.00 ? 5  DT A "H2''" 1 
ATOM 150 H "H1'"  . DT A 1 5 ? 2.739  -4.409  4.280   1.00 0.00 ? 5  DT A "H1'"  1 
ATOM 151 H H3     . DT A 1 5 ? 0.537  -5.222  0.283   1.00 0.00 ? 5  DT A H3     1 
ATOM 152 H H71    . DT A 1 5 ? 5.928  -4.985  -0.685  1.00 0.00 ? 5  DT A H71    1 
ATOM 153 H H72    . DT A 1 5 ? 4.981  -6.360  -1.301  1.00 0.00 ? 5  DT A H72    1 
ATOM 154 H H73    . DT A 1 5 ? 4.787  -4.750  -2.027  1.00 0.00 ? 5  DT A H73    1 
ATOM 155 H H6     . DT A 1 5 ? 5.109  -4.610  1.545   1.00 0.00 ? 5  DT A H6     1 
ATOM 156 P P      . DG A 1 6 ? 5.587  -6.760  6.906   1.00 0.00 ? 6  DG A P      1 
ATOM 157 O OP1    . DG A 1 6 ? 5.922  -6.553  8.331   1.00 0.00 ? 6  DG A OP1    1 
ATOM 158 O OP2    . DG A 1 6 ? 6.678  -7.430  6.166   1.00 0.00 ? 6  DG A OP2    1 
ATOM 159 O "O5'"  . DG A 1 6 ? 4.261  -7.659  6.826   1.00 0.00 ? 6  DG A "O5'"  1 
ATOM 160 C "C5'"  . DG A 1 6 ? 3.118  -7.287  7.570   1.00 0.00 ? 6  DG A "C5'"  1 
ATOM 161 C "C4'"  . DG A 1 6 ? 1.837  -7.981  7.097   1.00 0.00 ? 6  DG A "C4'"  1 
ATOM 162 O "O4'"  . DG A 1 6 ? 1.400  -7.602  5.812   1.00 0.00 ? 6  DG A "O4'"  1 
ATOM 163 C "C3'"  . DG A 1 6 ? 1.912  -9.516  7.168   1.00 0.00 ? 6  DG A "C3'"  1 
ATOM 164 O "O3'"  . DG A 1 6 ? 0.672  -10.038 7.594   1.00 0.00 ? 6  DG A "O3'"  1 
ATOM 165 C "C2'"  . DG A 1 6 ? 2.100  -9.845  5.690   1.00 0.00 ? 6  DG A "C2'"  1 
ATOM 166 C "C1'"  . DG A 1 6 ? 1.213  -8.768  5.043   1.00 0.00 ? 6  DG A "C1'"  1 
ATOM 167 N N9     . DG A 1 6 ? 1.599  -8.538  3.663   1.00 0.00 ? 6  DG A N9     1 
ATOM 168 C C8     . DG A 1 6 ? 2.875  -8.364  3.317   1.00 0.00 ? 6  DG A C8     1 
ATOM 169 N N7     . DG A 1 6 ? 3.085  -8.206  2.038   1.00 0.00 ? 6  DG A N7     1 
ATOM 170 C C5     . DG A 1 6 ? 1.794  -8.306  1.503   1.00 0.00 ? 6  DG A C5     1 
ATOM 171 C C6     . DG A 1 6 ? 1.336  -8.266  0.148   1.00 0.00 ? 6  DG A C6     1 
ATOM 172 O O6     . DG A 1 6 ? 1.998  -8.129  -0.878  1.00 0.00 ? 6  DG A O6     1 
ATOM 173 N N1     . DG A 1 6 ? -0.039 -8.421  0.042   1.00 0.00 ? 6  DG A N1     1 
ATOM 174 C C2     . DG A 1 6 ? -0.879 -8.634  1.110   1.00 0.00 ? 6  DG A C2     1 
ATOM 175 N N2     . DG A 1 6 ? -2.179 -8.769  0.877   1.00 0.00 ? 6  DG A N2     1 
ATOM 176 N N3     . DG A 1 6 ? -0.465 -8.705  2.376   1.00 0.00 ? 6  DG A N3     1 
ATOM 177 C C4     . DG A 1 6 ? 0.874  -8.520  2.503   1.00 0.00 ? 6  DG A C4     1 
ATOM 178 H "H5'"  . DG A 1 6 ? 2.956  -6.212  7.476   1.00 0.00 ? 6  DG A "H5'"  1 
ATOM 179 H "H5''" . DG A 1 6 ? 3.288  -7.519  8.622   1.00 0.00 ? 6  DG A "H5''" 1 
ATOM 180 H "H4'"  . DG A 1 6 ? 1.045  -7.588  7.705   1.00 0.00 ? 6  DG A "H4'"  1 
ATOM 181 H "H3'"  . DG A 1 6 ? 2.699  -9.894  7.835   1.00 0.00 ? 6  DG A "H3'"  1 
ATOM 182 H "H2'"  . DG A 1 6 ? 3.175  -9.844  5.486   1.00 0.00 ? 6  DG A "H2'"  1 
ATOM 183 H "H2''" . DG A 1 6 ? 1.828  -10.771 5.254   1.00 0.00 ? 6  DG A "H2''" 1 
ATOM 184 H "H1'"  . DG A 1 6 ? 0.166  -9.071  5.103   1.00 0.00 ? 6  DG A "H1'"  1 
ATOM 185 H H8     . DG A 1 6 ? 3.496  -8.410  4.197   1.00 0.00 ? 6  DG A H8     1 
ATOM 186 H H1     . DG A 1 6 ? -0.425 -8.343  -0.899  1.00 0.00 ? 6  DG A H1     1 
ATOM 187 H H21    . DG A 1 6 ? -2.562 -8.620  -0.047  1.00 0.00 ? 6  DG A H21    1 
ATOM 188 H H22    . DG A 1 6 ? -2.796 -8.876  1.667   1.00 0.00 ? 6  DG A H22    1 
ATOM 189 O "O5'"  . DC B 1 1 ? -4.662 -7.951  -7.642  1.00 0.00 ? 7  DC B "O5'"  1 
ATOM 190 C "C5'"  . DC B 1 1 ? -5.797 -8.696  -7.257  1.00 0.00 ? 7  DC B "C5'"  1 
ATOM 191 C "C4'"  . DC B 1 1 ? -6.062 -8.584  -5.750  1.00 0.00 ? 7  DC B "C4'"  1 
ATOM 192 O "O4'"  . DC B 1 1 ? -5.041 -9.246  -5.021  1.00 0.00 ? 7  DC B "O4'"  1 
ATOM 193 C "C3'"  . DC B 1 1 ? -6.168 -7.127  -5.268  1.00 0.00 ? 7  DC B "C3'"  1 
ATOM 194 O "O3'"  . DC B 1 1 ? -7.122 -7.102  -4.221  1.00 0.00 ? 7  DC B "O3'"  1 
ATOM 195 C "C2'"  . DC B 1 1 ? -4.731 -6.909  -4.697  1.00 0.00 ? 7  DC B "C2'"  1 
ATOM 196 C "C1'"  . DC B 1 1 ? -4.440 -8.327  -4.132  1.00 0.00 ? 7  DC B "C1'"  1 
ATOM 197 N N1     . DC B 1 1 ? -2.985 -8.474  -3.961  1.00 0.00 ? 7  DC B N1     1 
ATOM 198 C C2     . DC B 1 1 ? -2.400 -8.264  -2.717  1.00 0.00 ? 7  DC B C2     1 
ATOM 199 O O2     . DC B 1 1 ? -3.080 -8.079  -1.711  1.00 0.00 ? 7  DC B O2     1 
ATOM 200 N N3     . DC B 1 1 ? -1.041 -8.256  -2.621  1.00 0.00 ? 7  DC B N3     1 
ATOM 201 C C4     . DC B 1 1 ? -0.291 -8.384  -3.722  1.00 0.00 ? 7  DC B C4     1 
ATOM 202 N N4     . DC B 1 1 ? 1.028  -8.331  -3.581  1.00 0.00 ? 7  DC B N4     1 
ATOM 203 C C5     . DC B 1 1 ? -0.878 -8.522  -5.026  1.00 0.00 ? 7  DC B C5     1 
ATOM 204 C C6     . DC B 1 1 ? -2.231 -8.560  -5.078  1.00 0.00 ? 7  DC B C6     1 
ATOM 205 H "H5'"  . DC B 1 1 ? -5.645 -9.743  -7.522  1.00 0.00 ? 7  DC B "H5'"  1 
ATOM 206 H "H5''" . DC B 1 1 ? -6.662 -8.318  -7.804  1.00 0.00 ? 7  DC B "H5''" 1 
ATOM 207 H "H4'"  . DC B 1 1 ? -7.006 -9.096  -5.555  1.00 0.00 ? 7  DC B "H4'"  1 
ATOM 208 H "H3'"  . DC B 1 1 ? -6.504 -6.533  -6.144  1.00 0.00 ? 7  DC B "H3'"  1 
ATOM 209 H "H2'"  . DC B 1 1 ? -4.139 -6.419  -5.499  1.00 0.00 ? 7  DC B "H2'"  1 
ATOM 210 H "H2''" . DC B 1 1 ? -4.375 -6.288  -3.880  1.00 0.00 ? 7  DC B "H2''" 1 
ATOM 211 H "H1'"  . DC B 1 1 ? -4.938 -8.612  -3.176  1.00 0.00 ? 7  DC B "H1'"  1 
ATOM 212 H H41    . DC B 1 1 ? 1.418  -8.179  -2.655  1.00 0.00 ? 7  DC B H41    1 
ATOM 213 H H42    . DC B 1 1 ? 1.635  -8.389  -4.381  1.00 0.00 ? 7  DC B H42    1 
ATOM 214 H H5     . DC B 1 1 ? -0.306 -8.587  -5.939  1.00 0.00 ? 7  DC B H5     1 
ATOM 215 H H6     . DC B 1 1 ? -2.828 -8.603  -5.973  1.00 0.00 ? 7  DC B H6     1 
ATOM 216 H "HO5'" . DC B 1 1 ? -4.538 -8.051  -8.590  1.00 0.00 ? 7  DC B "HO5'" 1 
ATOM 217 P P      . DA B 1 2 ? -8.083 -5.844  -3.935  1.00 0.00 ? 8  DA B P      1 
ATOM 218 O OP1    . DA B 1 2 ? -9.458 -6.124  -4.399  1.00 0.00 ? 8  DA B OP1    1 
ATOM 219 O OP2    . DA B 1 2 ? -7.512 -4.620  -4.538  1.00 0.00 ? 8  DA B OP2    1 
ATOM 220 O "O5'"  . DA B 1 2 ? -8.068 -5.690  -2.348  1.00 0.00 ? 8  DA B "O5'"  1 
ATOM 221 C "C5'"  . DA B 1 2 ? -8.868 -6.500  -1.508  1.00 0.00 ? 8  DA B "C5'"  1 
ATOM 222 C "C4'"  . DA B 1 2 ? -8.356 -6.401  -0.063  1.00 0.00 ? 8  DA B "C4'"  1 
ATOM 223 O "O4'"  . DA B 1 2 ? -6.963 -6.666  -0.191  1.00 0.00 ? 8  DA B "O4'"  1 
ATOM 224 C "C3'"  . DA B 1 2 ? -8.458 -5.023  0.609   1.00 0.00 ? 8  DA B "C3'"  1 
ATOM 225 O "O3'"  . DA B 1 2 ? -8.690 -5.121  2.007   1.00 0.00 ? 8  DA B "O3'"  1 
ATOM 226 C "C2'"  . DA B 1 2 ? -7.152 -4.362  0.283   1.00 0.00 ? 8  DA B "C2'"  1 
ATOM 227 C "C1'"  . DA B 1 2 ? -6.229 -5.557  0.298   1.00 0.00 ? 8  DA B "C1'"  1 
ATOM 228 N N9     . DA B 1 2 ? -5.128 -5.237  -0.606  1.00 0.00 ? 8  DA B N9     1 
ATOM 229 C C8     . DA B 1 2 ? -5.110 -4.644  -1.836  1.00 0.00 ? 8  DA B C8     1 
ATOM 230 N N7     . DA B 1 2 ? -3.901 -4.411  -2.295  1.00 0.00 ? 8  DA B N7     1 
ATOM 231 C C5     . DA B 1 2 ? -3.078 -4.868  -1.262  1.00 0.00 ? 8  DA B C5     1 
ATOM 232 C C6     . DA B 1 2 ? -1.689 -4.933  -1.031  1.00 0.00 ? 8  DA B C6     1 
ATOM 233 N N6     . DA B 1 2 ? -0.796 -4.597  -1.962  1.00 0.00 ? 8  DA B N6     1 
ATOM 234 N N1     . DA B 1 2 ? -1.253 -5.341  0.181   1.00 0.00 ? 8  DA B N1     1 
ATOM 235 C C2     . DA B 1 2 ? -2.164 -5.659  1.104   1.00 0.00 ? 8  DA B C2     1 
ATOM 236 N N3     . DA B 1 2 ? -3.459 -5.694  0.995   1.00 0.00 ? 8  DA B N3     1 
ATOM 237 C C4     . DA B 1 2 ? -3.842 -5.301  -0.223  1.00 0.00 ? 8  DA B C4     1 
ATOM 238 H "H5'"  . DA B 1 2 ? -8.791 -7.541  -1.827  1.00 0.00 ? 8  DA B "H5'"  1 
ATOM 239 H "H5''" . DA B 1 2 ? -9.912 -6.187  -1.561  1.00 0.00 ? 8  DA B "H5''" 1 
ATOM 240 H "H4'"  . DA B 1 2 ? -8.869 -7.164  0.519   1.00 0.00 ? 8  DA B "H4'"  1 
ATOM 241 H "H3'"  . DA B 1 2 ? -9.195 -4.405  0.146   1.00 0.00 ? 8  DA B "H3'"  1 
ATOM 242 H "H2'"  . DA B 1 2 ? -7.230 -3.786  -0.634  1.00 0.00 ? 8  DA B "H2'"  1 
ATOM 243 H "H2''" . DA B 1 2 ? -6.865 -3.674  1.031   1.00 0.00 ? 8  DA B "H2''" 1 
ATOM 244 H "H1'"  . DA B 1 2 ? -5.803 -5.733  1.300   1.00 0.00 ? 8  DA B "H1'"  1 
ATOM 245 H H8     . DA B 1 2 ? -6.048 -4.390  -2.310  1.00 0.00 ? 8  DA B H8     1 
ATOM 246 H H61    . DA B 1 2 ? 0.199  -4.711  -1.811  1.00 0.00 ? 8  DA B H61    1 
ATOM 247 H H62    . DA B 1 2 ? -1.144 -4.236  -2.837  1.00 0.00 ? 8  DA B H62    1 
ATOM 248 H H2     . DA B 1 2 ? -1.974 -5.973  2.103   1.00 0.00 ? 8  DA B H2     1 
ATOM 249 P P      . DC B 1 3 ? -9.042 -3.827  2.903   1.00 0.00 ? 9  DC B P      1 
ATOM 250 O OP1    . DC B 1 3 ? -9.853 -4.217  4.077   1.00 0.00 ? 9  DC B OP1    1 
ATOM 251 O OP2    . DC B 1 3 ? -9.687 -2.787  2.074   1.00 0.00 ? 9  DC B OP2    1 
ATOM 252 O "O5'"  . DC B 1 3 ? -7.582 -3.348  3.360   1.00 0.00 ? 9  DC B "O5'"  1 
ATOM 253 C "C5'"  . DC B 1 3 ? -6.968 -3.913  4.500   1.00 0.00 ? 9  DC B "C5'"  1 
ATOM 254 C "C4'"  . DC B 1 3 ? -5.742 -3.125  4.966   1.00 0.00 ? 9  DC B "C4'"  1 
ATOM 255 O "O4'"  . DC B 1 3 ? -4.750 -3.306  3.983   1.00 0.00 ? 9  DC B "O4'"  1 
ATOM 256 C "C3'"  . DC B 1 3 ? -5.802 -1.630  5.268   1.00 0.00 ? 9  DC B "C3'"  1 
ATOM 257 O "O3'"  . DC B 1 3 ? -5.036 -1.346  6.434   1.00 0.00 ? 9  DC B "O3'"  1 
ATOM 258 C "C2'"  . DC B 1 3 ? -5.152 -0.938  4.083   1.00 0.00 ? 9  DC B "C2'"  1 
ATOM 259 C "C1'"  . DC B 1 3 ? -4.164 -2.058  3.705   1.00 0.00 ? 9  DC B "C1'"  1 
ATOM 260 N N1     . DC B 1 3 ? -3.751 -2.027  2.288   1.00 0.00 ? 9  DC B N1     1 
ATOM 261 C C2     . DC B 1 3 ? -2.416 -2.256  1.969   1.00 0.00 ? 9  DC B C2     1 
ATOM 262 O O2     . DC B 1 3 ? -1.599 -2.609  2.818   1.00 0.00 ? 9  DC B O2     1 
ATOM 263 N N3     . DC B 1 3 ? -2.005 -2.073  0.685   1.00 0.00 ? 9  DC B N3     1 
ATOM 264 C C4     . DC B 1 3 ? -2.886 -1.707  -0.251  1.00 0.00 ? 9  DC B C4     1 
ATOM 265 N N4     . DC B 1 3 ? -2.435 -1.556  -1.488  1.00 0.00 ? 9  DC B N4     1 
ATOM 266 C C5     . DC B 1 3 ? -4.284 -1.566  0.028   1.00 0.00 ? 9  DC B C5     1 
ATOM 267 C C6     . DC B 1 3 ? -4.668 -1.733  1.318   1.00 0.00 ? 9  DC B C6     1 
ATOM 268 H "H5'"  . DC B 1 3 ? -6.687 -4.946  4.290   1.00 0.00 ? 9  DC B "H5'"  1 
ATOM 269 H "H5''" . DC B 1 3 ? -7.673 -3.908  5.332   1.00 0.00 ? 9  DC B "H5''" 1 
ATOM 270 H "H4'"  . DC B 1 3 ? -5.388 -3.580  5.885   1.00 0.00 ? 9  DC B "H4'"  1 
ATOM 271 H "H3'"  . DC B 1 3 ? -6.843 -1.367  5.287   1.00 0.00 ? 9  DC B "H3'"  1 
ATOM 272 H "H2'"  . DC B 1 3 ? -5.890 -0.554  3.368   1.00 0.00 ? 9  DC B "H2'"  1 
ATOM 273 H "H2''" . DC B 1 3 ? -4.623 -0.045  4.385   1.00 0.00 ? 9  DC B "H2''" 1 
ATOM 274 H "H1'"  . DC B 1 3 ? -3.332 -2.026  4.411   1.00 0.00 ? 9  DC B "H1'"  1 
ATOM 275 H H41    . DC B 1 3 ? -1.431 -1.547  -1.614  1.00 0.00 ? 9  DC B H41    1 
ATOM 276 H H42    . DC B 1 3 ? -3.066 -1.411  -2.257  1.00 0.00 ? 9  DC B H42    1 
ATOM 277 H H5     . DC B 1 3 ? -5.003 -1.282  -0.727  1.00 0.00 ? 9  DC B H5     1 
ATOM 278 H H6     . DC B 1 3 ? -5.705 -1.630  1.628   1.00 0.00 ? 9  DC B H6     1 
ATOM 279 P P      . DG B 1 4 ? -5.127 0.034   7.252   1.00 0.00 ? 10 DG B P      1 
ATOM 280 O OP1    . DG B 1 4 ? -5.520 -0.223  8.654   1.00 0.00 ? 10 DG B OP1    1 
ATOM 281 O OP2    . DG B 1 4 ? -6.038 0.976   6.566   1.00 0.00 ? 10 DG B OP2    1 
ATOM 282 O "O5'"  . DG B 1 4 ? -3.624 0.612   7.208   1.00 0.00 ? 10 DG B "O5'"  1 
ATOM 283 C "C5'"  . DG B 1 4 ? -2.647 0.144   8.122   1.00 0.00 ? 10 DG B "C5'"  1 
ATOM 284 C "C4'"  . DG B 1 4 ? -1.243 0.737   7.904   1.00 0.00 ? 10 DG B "C4'"  1 
ATOM 285 O "O4'"  . DG B 1 4 ? -0.660 0.173   6.732   1.00 0.00 ? 10 DG B "O4'"  1 
ATOM 286 C "C3'"  . DG B 1 4 ? -1.172 2.261   7.751   1.00 0.00 ? 10 DG B "C3'"  1 
ATOM 287 O "O3'"  . DG B 1 4 ? -0.001 2.691   8.437   1.00 0.00 ? 10 DG B "O3'"  1 
ATOM 288 C "C2'"  . DG B 1 4 ? -1.060 2.396   6.242   1.00 0.00 ? 10 DG B "C2'"  1 
ATOM 289 C "C1'"  . DG B 1 4 ? -0.232 1.198   5.844   1.00 0.00 ? 10 DG B "C1'"  1 
ATOM 290 N N9     . DG B 1 4 ? -0.653 0.842   4.467   1.00 0.00 ? 10 DG B N9     1 
ATOM 291 C C8     . DG B 1 4 ? -1.913 0.419   4.160   1.00 0.00 ? 10 DG B C8     1 
ATOM 292 N N7     . DG B 1 4 ? -2.244 0.516   2.908   1.00 0.00 ? 10 DG B N7     1 
ATOM 293 C C5     . DG B 1 4 ? -1.082 0.983   2.314   1.00 0.00 ? 10 DG B C5     1 
ATOM 294 C C6     . DG B 1 4 ? -0.840 1.311   0.951   1.00 0.00 ? 10 DG B C6     1 
ATOM 295 O O6     . DG B 1 4 ? -1.632 1.261   0.013   1.00 0.00 ? 10 DG B O6     1 
ATOM 296 N N1     . DG B 1 4 ? 0.456  1.741   0.731   1.00 0.00 ? 10 DG B N1     1 
ATOM 297 C C2     . DG B 1 4 ? 1.395  1.898   1.724   1.00 0.00 ? 10 DG B C2     1 
ATOM 298 N N2     . DG B 1 4 ? 2.591  2.353   1.375   1.00 0.00 ? 10 DG B N2     1 
ATOM 299 N N3     . DG B 1 4 ? 1.158  1.652   3.018   1.00 0.00 ? 10 DG B N3     1 
ATOM 300 C C4     . DG B 1 4 ? -0.095 1.183   3.252   1.00 0.00 ? 10 DG B C4     1 
ATOM 301 H "H5'"  . DG B 1 4 ? -2.578 -0.944  8.058   1.00 0.00 ? 10 DG B "H5'"  1 
ATOM 302 H "H5''" . DG B 1 4 ? -2.967 0.409   9.131   1.00 0.00 ? 10 DG B "H5''" 1 
ATOM 303 H "H4'"  . DG B 1 4 ? -0.637 0.433   8.759   1.00 0.00 ? 10 DG B "H4'"  1 
ATOM 304 H "H3'"  . DG B 1 4 ? -2.024 2.815   8.136   1.00 0.00 ? 10 DG B "H3'"  1 
ATOM 305 H "H2'"  . DG B 1 4 ? -1.966 2.401   5.647   1.00 0.00 ? 10 DG B "H2'"  1 
ATOM 306 H "H2''" . DG B 1 4 ? -0.580 3.311   6.040   1.00 0.00 ? 10 DG B "H2''" 1 
ATOM 307 H "H1'"  . DG B 1 4 ? 0.805  1.480   5.991   1.00 0.00 ? 10 DG B "H1'"  1 
ATOM 308 H H8     . DG B 1 4 ? -2.593 0.157   4.947   1.00 0.00 ? 10 DG B H8     1 
ATOM 309 H H1     . DG B 1 4 ? 0.673  1.925   -0.250  1.00 0.00 ? 10 DG B H1     1 
ATOM 310 H H21    . DG B 1 4 ? 2.777  2.582   0.404   1.00 0.00 ? 10 DG B H21    1 
ATOM 311 H H22    . DG B 1 4 ? 3.286  2.494   2.091   1.00 0.00 ? 10 DG B H22    1 
ATOM 312 P P      . DT B 1 5 ? 0.480  4.222   8.464   1.00 0.00 ? 11 DT B P      1 
ATOM 313 O OP1    . DT B 1 5 ? 1.382  4.452   9.614   1.00 0.00 ? 11 DT B OP1    1 
ATOM 314 O OP2    . DT B 1 5 ? -0.699 5.115   8.478   1.00 0.00 ? 11 DT B OP2    1 
ATOM 315 O "O5'"  . DT B 1 5 ? 1.287  4.439   7.102   1.00 0.00 ? 11 DT B "O5'"  1 
ATOM 316 C "C5'"  . DT B 1 5 ? 2.586  3.911   6.921   1.00 0.00 ? 11 DT B "C5'"  1 
ATOM 317 C "C4'"  . DT B 1 5 ? 3.189  4.533   5.663   1.00 0.00 ? 11 DT B "C4'"  1 
ATOM 318 O "O4'"  . DT B 1 5 ? 2.634  4.061   4.457   1.00 0.00 ? 11 DT B "O4'"  1 
ATOM 319 C "C3'"  . DT B 1 5 ? 3.464  6.012   5.642   1.00 0.00 ? 11 DT B "C3'"  1 
ATOM 320 O "O3'"  . DT B 1 5 ? 4.839  6.382   5.595   1.00 0.00 ? 11 DT B "O3'"  1 
ATOM 321 C "C2'"  . DT B 1 5 ? 2.615  6.383   4.470   1.00 0.00 ? 11 DT B "C2'"  1 
ATOM 322 C "C1'"  . DT B 1 5 ? 2.548  5.148   3.572   1.00 0.00 ? 11 DT B "C1'"  1 
ATOM 323 N N1     . DT B 1 5 ? 1.211  5.113   2.941   1.00 0.00 ? 11 DT B N1     1 
ATOM 324 C C2     . DT B 1 5 ? 1.097  5.246   1.567   1.00 0.00 ? 11 DT B C2     1 
ATOM 325 O O2     . DT B 1 5 ? 2.060  5.370   0.816   1.00 0.00 ? 11 DT B O2     1 
ATOM 326 N N3     . DT B 1 5 ? -0.190 5.249   1.071   1.00 0.00 ? 11 DT B N3     1 
ATOM 327 C C4     . DT B 1 5 ? -1.355 5.240   1.816   1.00 0.00 ? 11 DT B C4     1 
ATOM 328 O O4     . DT B 1 5 ? -2.435 5.173   1.236   1.00 0.00 ? 11 DT B O4     1 
ATOM 329 C C5     . DT B 1 5 ? -1.152 5.281   3.256   1.00 0.00 ? 11 DT B C5     1 
ATOM 330 C C7     . DT B 1 5 ? -2.317 5.575   4.200   1.00 0.00 ? 11 DT B C7     1 
ATOM 331 C C6     . DT B 1 5 ? 0.108  5.180   3.749   1.00 0.00 ? 11 DT B C6     1 
ATOM 332 H "H5'"  . DT B 1 5 ? 2.553  2.826   6.827   1.00 0.00 ? 11 DT B "H5'"  1 
ATOM 333 H "H5''" . DT B 1 5 ? 3.223  4.176   7.767   1.00 0.00 ? 11 DT B "H5''" 1 
ATOM 334 H "H4'"  . DT B 1 5 ? 4.213  4.280   5.466   1.00 0.00 ? 11 DT B "H4'"  1 
ATOM 335 H "H3'"  . DT B 1 5 ? 2.967  6.408   6.511   1.00 0.00 ? 11 DT B "H3'"  1 
ATOM 336 H "H2'"  . DT B 1 5 ? 1.697  6.949   4.666   1.00 0.00 ? 11 DT B "H2'"  1 
ATOM 337 H "H2''" . DT B 1 5 ? 3.356  6.982   4.008   1.00 0.00 ? 11 DT B "H2''" 1 
ATOM 338 H "H1'"  . DT B 1 5 ? 3.399  5.054   2.904   1.00 0.00 ? 11 DT B "H1'"  1 
ATOM 339 H H3     . DT B 1 5 ? -0.253 5.274   0.058   1.00 0.00 ? 11 DT B H3     1 
ATOM 340 H H71    . DT B 1 5 ? -2.610 6.619   4.083   1.00 0.00 ? 11 DT B H71    1 
ATOM 341 H H72    . DT B 1 5 ? -3.161 4.936   3.936   1.00 0.00 ? 11 DT B H72    1 
ATOM 342 H H73    . DT B 1 5 ? -2.042 5.391   5.239   1.00 0.00 ? 11 DT B H73    1 
ATOM 343 H H6     . DT B 1 5 ? 0.314  5.179   4.806   1.00 0.00 ? 11 DT B H6     1 
ATOM 344 P P      . DG B 1 6 ? 5.325  7.888   5.866   1.00 0.00 ? 12 DG B P      1 
ATOM 345 O OP1    . DG B 1 6 ? 6.694  7.856   6.425   1.00 0.00 ? 12 DG B OP1    1 
ATOM 346 O OP2    . DG B 1 6 ? 4.369  8.568   6.767   1.00 0.00 ? 12 DG B OP2    1 
ATOM 347 O "O5'"  . DG B 1 6 ? 5.372  8.662   4.462   1.00 0.00 ? 12 DG B "O5'"  1 
ATOM 348 C "C5'"  . DG B 1 6 ? 6.313  8.275   3.482   1.00 0.00 ? 12 DG B "C5'"  1 
ATOM 349 C "C4'"  . DG B 1 6 ? 5.986  8.808   2.084   1.00 0.00 ? 12 DG B "C4'"  1 
ATOM 350 O "O4'"  . DG B 1 6 ? 4.825  8.264   1.498   1.00 0.00 ? 12 DG B "O4'"  1 
ATOM 351 C "C3'"  . DG B 1 6 ? 5.908  10.343  2.019   1.00 0.00 ? 12 DG B "C3'"  1 
ATOM 352 O "O3'"  . DG B 1 6 ? 6.477  10.802  0.810   1.00 0.00 ? 12 DG B "O3'"  1 
ATOM 353 C "C2'"  . DG B 1 6 ? 4.396  10.533  1.949   1.00 0.00 ? 12 DG B "C2'"  1 
ATOM 354 C "C1'"  . DG B 1 6 ? 3.995  9.325   1.086   1.00 0.00 ? 12 DG B "C1'"  1 
ATOM 355 N N9     . DG B 1 6 ? 2.597  8.988   1.282   1.00 0.00 ? 12 DG B N9     1 
ATOM 356 C C8     . DG B 1 6 ? 2.070  8.885   2.501   1.00 0.00 ? 12 DG B C8     1 
ATOM 357 N N7     . DG B 1 6 ? 0.794  8.616   2.533   1.00 0.00 ? 12 DG B N7     1 
ATOM 358 C C5     . DG B 1 6 ? 0.460  8.555   1.173   1.00 0.00 ? 12 DG B C5     1 
ATOM 359 C C6     . DG B 1 6 ? -0.794 8.339   0.524   1.00 0.00 ? 12 DG B C6     1 
ATOM 360 O O6     . DG B 1 6 ? -1.897 8.155   1.035   1.00 0.00 ? 12 DG B O6     1 
ATOM 361 N N1     . DG B 1 6 ? -0.695 8.367   -0.859  1.00 0.00 ? 12 DG B N1     1 
ATOM 362 C C2     . DG B 1 6 ? 0.468  8.618   -1.548  1.00 0.00 ? 12 DG B C2     1 
ATOM 363 N N2     . DG B 1 6 ? 0.434  8.618   -2.875  1.00 0.00 ? 12 DG B N2     1 
ATOM 364 N N3     . DG B 1 6 ? 1.642  8.852   -0.958  1.00 0.00 ? 12 DG B N3     1 
ATOM 365 C C4     . DG B 1 6 ? 1.572  8.792   0.396   1.00 0.00 ? 12 DG B C4     1 
ATOM 366 H "H5'"  . DG B 1 6 ? 6.341  7.185   3.413   1.00 0.00 ? 12 DG B "H5'"  1 
ATOM 367 H "H5''" . DG B 1 6 ? 7.303  8.625   3.779   1.00 0.00 ? 12 DG B "H5''" 1 
ATOM 368 H "H4'"  . DG B 1 6 ? 6.743  8.416   1.431   1.00 0.00 ? 12 DG B "H4'"  1 
ATOM 369 H "H3'"  . DG B 1 6 ? 6.406  10.852  2.855   1.00 0.00 ? 12 DG B "H3'"  1 
ATOM 370 H "H2'"  . DG B 1 6 ? 4.025  10.601  2.978   1.00 0.00 ? 12 DG B "H2'"  1 
ATOM 371 H "H2''" . DG B 1 6 ? 3.927  11.384  1.527   1.00 0.00 ? 12 DG B "H2''" 1 
ATOM 372 H "H1'"  . DG B 1 6 ? 4.193  9.545   0.035   1.00 0.00 ? 12 DG B "H1'"  1 
ATOM 373 H H8     . DG B 1 6 ? 2.834  9.072   3.240   1.00 0.00 ? 12 DG B H8     1 
ATOM 374 H H1     . DG B 1 6 ? -1.553 8.159   -1.372  1.00 0.00 ? 12 DG B H1     1 
ATOM 375 H H21    . DG B 1 6 ? -0.402 8.343   -3.375  1.00 0.00 ? 12 DG B H21    1 
ATOM 376 H H22    . DG B 1 6 ? 1.297  8.755   -3.375  1.00 0.00 ? 12 DG B H22    1 
# 
